data_4WOH
#
_entry.id   4WOH
#
_cell.length_a   89.816
_cell.length_b   49.632
_cell.length_c   39.899
_cell.angle_alpha   90.00
_cell.angle_beta   94.88
_cell.angle_gamma   90.00
#
_symmetry.space_group_name_H-M   'C 1 2 1'
#
loop_
_entity.id
_entity.type
_entity.pdbx_description
1 polymer 'Dual specificity protein phosphatase 22'
2 non-polymer '4-NITROPHENYL PHOSPHATE'
3 non-polymer DI(HYDROXYETHYL)ETHER
4 non-polymer 1,2-ETHANEDIOL
5 water water
#
_entity_poly.entity_id   1
_entity_poly.type   'polypeptide(L)'
_entity_poly.pdbx_seq_one_letter_code
;GGPMGNGMNKILPGLYIGNFKDARDAAQLSANAVTHILSVHDSARPMLEGVKYLCIPAADSPSQNLTRHFKESIKFIHEC
RLRGESCLVHSLAGVSRSVTLVIAYIMTVTDFGWEDALHTVRAGRSCANPNVGFQRQLQEFEKHEVHQYRQWLKEEYGES
PLQDAE
;
_entity_poly.pdbx_strand_id   A
#
# COMPACT_ATOMS: atom_id res chain seq x y z
N GLY A 1 17.43 -1.00 -7.70
CA GLY A 1 16.54 -0.37 -8.71
C GLY A 1 16.62 1.15 -8.72
N GLY A 2 17.53 1.73 -7.92
CA GLY A 2 17.66 3.19 -7.78
C GLY A 2 16.78 3.69 -6.64
N PRO A 3 16.94 4.96 -6.23
CA PRO A 3 16.28 5.44 -5.02
C PRO A 3 14.77 5.62 -5.18
N MET A 4 14.24 5.63 -6.48
CA MET A 4 12.81 5.72 -6.73
C MET A 4 12.32 4.52 -7.52
N GLY A 5 13.11 3.44 -7.47
CA GLY A 5 12.80 2.23 -8.17
C GLY A 5 13.00 2.32 -9.66
N ASN A 6 12.65 1.22 -10.33
CA ASN A 6 12.87 1.03 -11.75
C ASN A 6 11.60 0.82 -12.56
N GLY A 7 10.45 1.13 -11.96
CA GLY A 7 9.13 0.81 -12.53
C GLY A 7 8.29 0.21 -11.43
N MET A 8 6.98 0.09 -11.63
CA MET A 8 6.20 -0.49 -10.54
C MET A 8 6.54 -1.97 -10.38
N ASN A 9 6.52 -2.43 -9.15
CA ASN A 9 6.91 -3.79 -8.82
C ASN A 9 5.77 -4.55 -8.20
N LYS A 10 5.60 -5.80 -8.62
CA LYS A 10 4.66 -6.70 -8.02
C LYS A 10 5.16 -7.15 -6.65
N ILE A 11 4.30 -7.03 -5.66
CA ILE A 11 4.60 -7.44 -4.28
C ILE A 11 3.92 -8.77 -3.94
N LEU A 12 2.62 -8.83 -4.21
CA LEU A 12 1.74 -10.01 -4.09
CA LEU A 12 1.87 -10.08 -4.18
C LEU A 12 0.90 -10.03 -5.36
N PRO A 13 0.25 -11.16 -5.68
CA PRO A 13 -0.66 -11.11 -6.83
C PRO A 13 -1.69 -10.00 -6.63
N GLY A 14 -1.85 -9.15 -7.65
CA GLY A 14 -2.79 -8.05 -7.60
C GLY A 14 -2.37 -6.86 -6.74
N LEU A 15 -1.08 -6.77 -6.37
CA LEU A 15 -0.60 -5.69 -5.49
C LEU A 15 0.77 -5.21 -5.92
N TYR A 16 0.84 -3.96 -6.32
N TYR A 16 0.83 -3.95 -6.33
CA TYR A 16 2.04 -3.34 -6.85
CA TYR A 16 2.04 -3.32 -6.81
C TYR A 16 2.38 -2.07 -6.07
C TYR A 16 2.40 -2.11 -5.97
N ILE A 17 3.68 -1.73 -6.02
CA ILE A 17 4.15 -0.46 -5.47
C ILE A 17 4.96 0.25 -6.55
N GLY A 18 4.79 1.57 -6.65
CA GLY A 18 5.58 2.36 -7.55
C GLY A 18 5.70 3.80 -7.11
N ASN A 19 6.36 4.58 -7.97
CA ASN A 19 6.57 5.99 -7.76
C ASN A 19 5.49 6.80 -8.51
N PHE A 20 5.54 8.12 -8.43
CA PHE A 20 4.46 8.94 -9.00
C PHE A 20 4.40 8.85 -10.53
N LYS A 21 5.55 8.66 -11.17
CA LYS A 21 5.62 8.51 -12.61
C LYS A 21 4.98 7.20 -13.03
N ASP A 22 5.29 6.14 -12.30
CA ASP A 22 4.67 4.84 -12.57
C ASP A 22 3.15 4.95 -12.53
N ALA A 23 2.61 5.75 -11.60
CA ALA A 23 1.19 5.88 -11.41
C ALA A 23 0.47 6.61 -12.54
N ARG A 24 1.22 7.27 -13.43
CA ARG A 24 0.65 7.92 -14.61
C ARG A 24 1.00 7.20 -15.89
N ASP A 25 1.69 6.07 -15.79
CA ASP A 25 2.21 5.37 -16.97
C ASP A 25 1.16 4.40 -17.51
N ALA A 26 0.48 4.81 -18.58
CA ALA A 26 -0.61 4.01 -19.13
C ALA A 26 -0.15 2.62 -19.58
N ALA A 27 1.08 2.53 -20.10
CA ALA A 27 1.63 1.26 -20.57
C ALA A 27 1.80 0.27 -19.41
N GLN A 28 2.36 0.75 -18.31
CA GLN A 28 2.56 -0.09 -17.14
C GLN A 28 1.19 -0.44 -16.53
N LEU A 29 0.29 0.54 -16.43
CA LEU A 29 -1.02 0.27 -15.79
C LEU A 29 -1.78 -0.77 -16.60
N SER A 30 -1.72 -0.64 -17.93
N SER A 30 -1.72 -0.65 -17.93
CA SER A 30 -2.35 -1.61 -18.83
CA SER A 30 -2.35 -1.62 -18.82
C SER A 30 -1.71 -2.99 -18.72
C SER A 30 -1.71 -2.99 -18.73
N ALA A 31 -0.38 -3.03 -18.79
CA ALA A 31 0.37 -4.29 -18.70
C ALA A 31 0.09 -5.06 -17.43
N ASN A 32 -0.06 -4.32 -16.33
CA ASN A 32 -0.25 -4.93 -15.03
C ASN A 32 -1.73 -5.02 -14.61
N ALA A 33 -2.64 -4.68 -15.52
CA ALA A 33 -4.08 -4.71 -15.29
C ALA A 33 -4.49 -3.93 -14.03
N VAL A 34 -3.87 -2.77 -13.85
CA VAL A 34 -4.13 -1.99 -12.64
C VAL A 34 -5.41 -1.22 -12.84
N THR A 35 -6.39 -1.48 -11.97
CA THR A 35 -7.68 -0.80 -12.02
C THR A 35 -7.98 -0.01 -10.75
N HIS A 36 -7.11 -0.10 -9.75
CA HIS A 36 -7.24 0.61 -8.48
C HIS A 36 -5.88 1.25 -8.16
N ILE A 37 -5.89 2.51 -7.74
CA ILE A 37 -4.68 3.20 -7.28
C ILE A 37 -4.93 3.81 -5.92
N LEU A 38 -4.06 3.43 -4.97
CA LEU A 38 -3.99 4.07 -3.67
C LEU A 38 -2.83 5.05 -3.72
N SER A 39 -3.15 6.34 -3.79
CA SER A 39 -2.17 7.42 -3.89
CA SER A 39 -2.11 7.37 -3.87
CA SER A 39 -2.14 7.41 -3.88
C SER A 39 -1.93 8.00 -2.51
N VAL A 40 -0.70 7.89 -1.99
CA VAL A 40 -0.40 8.43 -0.68
C VAL A 40 0.82 9.34 -0.81
N HIS A 41 0.58 10.64 -0.85
CA HIS A 41 1.65 11.62 -1.01
C HIS A 41 1.05 13.00 -0.79
N ASP A 42 1.88 14.04 -0.94
CA ASP A 42 1.49 15.40 -0.59
C ASP A 42 0.20 15.85 -1.27
N SER A 43 0.09 15.57 -2.56
CA SER A 43 -0.95 16.16 -3.40
C SER A 43 -1.92 15.14 -3.98
N ALA A 44 -2.17 14.05 -3.26
CA ALA A 44 -2.93 12.92 -3.80
C ALA A 44 -4.36 13.31 -4.19
N ARG A 45 -4.71 13.03 -5.45
CA ARG A 45 -6.06 13.25 -5.97
C ARG A 45 -6.28 12.37 -7.20
N PRO A 46 -7.54 12.09 -7.57
CA PRO A 46 -7.77 11.25 -8.74
C PRO A 46 -7.28 11.93 -10.01
N MET A 47 -6.63 11.18 -10.88
CA MET A 47 -6.03 11.75 -12.09
C MET A 47 -6.56 11.08 -13.35
N LEU A 48 -6.37 9.78 -13.44
CA LEU A 48 -6.61 9.05 -14.68
CA LEU A 48 -6.61 9.06 -14.68
C LEU A 48 -8.02 8.50 -14.76
N GLU A 49 -8.46 8.30 -15.98
CA GLU A 49 -9.63 7.52 -16.26
C GLU A 49 -9.37 6.04 -16.08
N GLY A 50 -10.43 5.27 -15.90
CA GLY A 50 -10.34 3.82 -15.82
C GLY A 50 -9.79 3.24 -14.53
N VAL A 51 -9.70 4.07 -13.49
CA VAL A 51 -9.06 3.71 -12.25
C VAL A 51 -9.86 4.18 -11.03
N LYS A 52 -10.14 3.26 -10.11
N LYS A 52 -10.03 3.29 -10.07
CA LYS A 52 -10.74 3.63 -8.82
CA LYS A 52 -10.70 3.58 -8.83
C LYS A 52 -9.61 4.10 -7.90
C LYS A 52 -9.66 4.04 -7.80
N TYR A 53 -9.75 5.29 -7.33
CA TYR A 53 -8.74 5.88 -6.45
C TYR A 53 -9.12 5.88 -4.99
N LEU A 54 -8.10 5.73 -4.15
CA LEU A 54 -8.14 6.13 -2.74
C LEU A 54 -6.97 7.06 -2.57
N CYS A 55 -7.22 8.29 -2.14
CA CYS A 55 -6.19 9.29 -2.07
C CYS A 55 -6.00 9.73 -0.63
N ILE A 56 -4.77 9.62 -0.15
CA ILE A 56 -4.44 9.97 1.24
C ILE A 56 -3.35 11.03 1.23
N PRO A 57 -3.71 12.30 1.47
CA PRO A 57 -2.66 13.29 1.61
CA PRO A 57 -2.65 13.29 1.58
C PRO A 57 -1.83 13.01 2.85
N ALA A 58 -0.53 12.86 2.68
CA ALA A 58 0.36 12.51 3.77
C ALA A 58 1.80 12.87 3.41
N ALA A 59 2.54 13.32 4.42
CA ALA A 59 3.98 13.62 4.29
C ALA A 59 4.83 12.42 4.66
N ASP A 60 6.02 12.33 4.07
CA ASP A 60 6.98 11.30 4.49
C ASP A 60 7.81 11.82 5.65
N SER A 61 7.18 11.83 6.82
CA SER A 61 7.78 12.38 8.03
C SER A 61 7.40 11.52 9.22
N PRO A 62 8.31 11.39 10.21
CA PRO A 62 7.90 10.69 11.42
C PRO A 62 6.71 11.34 12.14
N SER A 63 6.46 12.63 11.90
CA SER A 63 5.31 13.30 12.49
C SER A 63 3.99 12.96 11.80
N GLN A 64 4.04 12.30 10.64
CA GLN A 64 2.83 11.91 9.92
C GLN A 64 2.25 10.64 10.51
N ASN A 65 0.98 10.71 10.91
CA ASN A 65 0.23 9.54 11.32
C ASN A 65 -0.28 8.78 10.07
N LEU A 66 0.20 7.56 9.87
CA LEU A 66 -0.36 6.68 8.84
C LEU A 66 -1.21 5.58 9.45
N THR A 67 -1.03 5.27 10.73
CA THR A 67 -1.83 4.25 11.39
CA THR A 67 -1.83 4.23 11.38
C THR A 67 -3.33 4.47 11.23
N ARG A 68 -3.77 5.73 11.31
CA ARG A 68 -5.20 6.05 11.20
CA ARG A 68 -5.17 6.12 11.17
C ARG A 68 -5.77 5.75 9.80
N HIS A 69 -4.89 5.50 8.83
CA HIS A 69 -5.29 5.17 7.46
C HIS A 69 -5.14 3.68 7.14
N PHE A 70 -4.64 2.89 8.09
CA PHE A 70 -4.46 1.47 7.81
C PHE A 70 -5.76 0.77 7.44
N LYS A 71 -6.83 1.00 8.21
N LYS A 71 -6.82 1.01 8.22
CA LYS A 71 -8.07 0.25 7.98
CA LYS A 71 -8.09 0.31 8.01
C LYS A 71 -8.65 0.56 6.60
C LYS A 71 -8.65 0.57 6.61
N GLU A 72 -8.78 1.85 6.25
CA GLU A 72 -9.35 2.19 4.95
CA GLU A 72 -9.32 2.24 4.94
C GLU A 72 -8.45 1.71 3.82
N SER A 73 -7.14 1.73 4.02
CA SER A 73 -6.21 1.24 2.99
C SER A 73 -6.36 -0.27 2.79
N ILE A 74 -6.45 -1.01 3.91
CA ILE A 74 -6.59 -2.45 3.85
C ILE A 74 -7.93 -2.84 3.19
N LYS A 75 -9.00 -2.15 3.54
CA LYS A 75 -10.28 -2.41 2.92
C LYS A 75 -10.20 -2.20 1.40
N PHE A 76 -9.62 -1.08 1.01
CA PHE A 76 -9.51 -0.73 -0.40
C PHE A 76 -8.72 -1.77 -1.18
N ILE A 77 -7.54 -2.12 -0.66
CA ILE A 77 -6.70 -3.11 -1.29
CA ILE A 77 -6.69 -3.11 -1.31
C ILE A 77 -7.38 -4.48 -1.34
N HIS A 78 -7.95 -4.88 -0.22
CA HIS A 78 -8.48 -6.23 -0.11
C HIS A 78 -9.68 -6.45 -1.03
N GLU A 79 -10.57 -5.47 -1.09
CA GLU A 79 -11.75 -5.60 -1.93
C GLU A 79 -11.37 -5.67 -3.40
N CYS A 80 -10.34 -4.92 -3.78
CA CYS A 80 -9.81 -5.02 -5.13
C CYS A 80 -9.30 -6.44 -5.40
N ARG A 81 -8.44 -6.95 -4.51
CA ARG A 81 -7.80 -8.24 -4.72
C ARG A 81 -8.80 -9.40 -4.69
N LEU A 82 -9.83 -9.31 -3.84
CA LEU A 82 -10.84 -10.36 -3.78
C LEU A 82 -11.63 -10.46 -5.07
N ARG A 83 -11.73 -9.36 -5.81
CA ARG A 83 -12.40 -9.34 -7.12
C ARG A 83 -11.49 -9.74 -8.26
N GLY A 84 -10.26 -10.15 -7.94
CA GLY A 84 -9.32 -10.58 -8.94
C GLY A 84 -8.68 -9.43 -9.71
N GLU A 85 -8.77 -8.22 -9.16
CA GLU A 85 -8.21 -7.05 -9.81
C GLU A 85 -6.88 -6.66 -9.16
N SER A 86 -6.20 -5.71 -9.78
CA SER A 86 -4.86 -5.29 -9.36
CA SER A 86 -4.86 -5.29 -9.35
C SER A 86 -4.85 -3.85 -8.86
N CYS A 87 -4.16 -3.64 -7.73
CA CYS A 87 -4.02 -2.36 -7.08
C CYS A 87 -2.58 -1.90 -7.05
N LEU A 88 -2.35 -0.65 -7.45
CA LEU A 88 -1.08 0.02 -7.28
C LEU A 88 -1.16 0.94 -6.09
N VAL A 89 -0.24 0.76 -5.14
CA VAL A 89 -0.08 1.71 -4.05
C VAL A 89 1.16 2.51 -4.40
N HIS A 90 1.01 3.83 -4.51
CA HIS A 90 2.16 4.67 -4.89
C HIS A 90 2.28 5.88 -4.00
N SER A 91 3.49 6.41 -3.98
CA SER A 91 3.80 7.62 -3.27
C SER A 91 4.68 8.46 -4.21
N LEU A 92 5.54 9.34 -3.67
CA LEU A 92 6.46 10.05 -4.56
C LEU A 92 7.51 9.09 -5.08
N ALA A 93 8.18 8.38 -4.16
CA ALA A 93 9.32 7.50 -4.49
C ALA A 93 9.00 6.00 -4.47
N GLY A 94 7.87 5.61 -3.89
CA GLY A 94 7.60 4.20 -3.64
C GLY A 94 8.57 3.55 -2.68
N VAL A 95 8.92 4.30 -1.62
CA VAL A 95 9.91 3.88 -0.63
C VAL A 95 9.38 3.79 0.78
N SER A 96 8.49 4.71 1.17
CA SER A 96 8.16 4.91 2.56
C SER A 96 6.66 4.99 2.84
N ARG A 97 5.97 6.02 2.36
CA ARG A 97 4.53 6.13 2.63
C ARG A 97 3.72 4.94 2.07
N SER A 98 3.94 4.66 0.80
CA SER A 98 3.25 3.55 0.14
C SER A 98 3.64 2.21 0.73
N VAL A 99 4.94 2.02 0.93
CA VAL A 99 5.48 0.80 1.53
C VAL A 99 4.84 0.52 2.89
N THR A 100 4.68 1.55 3.71
CA THR A 100 4.10 1.37 5.04
C THR A 100 2.67 0.82 4.99
N LEU A 101 1.85 1.39 4.11
CA LEU A 101 0.48 0.90 3.97
C LEU A 101 0.46 -0.55 3.49
N VAL A 102 1.33 -0.88 2.55
CA VAL A 102 1.40 -2.26 2.07
C VAL A 102 1.88 -3.22 3.15
N ILE A 103 2.83 -2.79 3.96
CA ILE A 103 3.26 -3.63 5.09
C ILE A 103 2.06 -3.90 6.01
N ALA A 104 1.28 -2.89 6.36
CA ALA A 104 0.11 -3.08 7.20
C ALA A 104 -0.86 -4.09 6.57
N TYR A 105 -1.05 -4.00 5.24
CA TYR A 105 -1.88 -4.96 4.54
C TYR A 105 -1.32 -6.38 4.67
N ILE A 106 -0.04 -6.56 4.35
CA ILE A 106 0.57 -7.90 4.43
C ILE A 106 0.45 -8.45 5.84
N MET A 107 0.70 -7.63 6.85
CA MET A 107 0.58 -8.08 8.23
C MET A 107 -0.82 -8.58 8.57
N THR A 108 -1.83 -8.01 7.93
CA THR A 108 -3.23 -8.34 8.21
C THR A 108 -3.71 -9.60 7.48
N VAL A 109 -3.14 -9.90 6.30
CA VAL A 109 -3.56 -11.07 5.51
C VAL A 109 -2.63 -12.29 5.69
N THR A 110 -1.63 -12.16 6.56
CA THR A 110 -0.71 -13.23 6.93
C THR A 110 -0.64 -13.20 8.46
N ASP A 111 0.27 -13.98 9.03
CA ASP A 111 0.59 -13.85 10.46
C ASP A 111 1.92 -13.12 10.68
N PHE A 112 2.34 -12.34 9.70
CA PHE A 112 3.63 -11.68 9.76
C PHE A 112 3.62 -10.45 10.66
N GLY A 113 4.70 -10.28 11.40
CA GLY A 113 5.04 -9.02 12.01
C GLY A 113 5.58 -8.05 10.96
N TRP A 114 5.88 -6.84 11.38
CA TRP A 114 6.25 -5.82 10.40
C TRP A 114 7.58 -6.12 9.69
N GLU A 115 8.54 -6.76 10.37
CA GLU A 115 9.82 -7.05 9.74
C GLU A 115 9.70 -8.09 8.64
N ASP A 116 8.93 -9.14 8.89
CA ASP A 116 8.69 -10.15 7.86
C ASP A 116 7.88 -9.56 6.70
N ALA A 117 6.93 -8.68 7.01
CA ALA A 117 6.19 -8.00 5.95
C ALA A 117 7.09 -7.07 5.13
N LEU A 118 8.02 -6.38 5.78
CA LEU A 118 8.97 -5.54 5.08
C LEU A 118 9.90 -6.38 4.21
N HIS A 119 10.34 -7.53 4.72
CA HIS A 119 11.13 -8.43 3.91
C HIS A 119 10.37 -8.81 2.63
N THR A 120 9.09 -9.09 2.77
CA THR A 120 8.25 -9.44 1.64
C THR A 120 8.21 -8.30 0.61
N VAL A 121 8.01 -7.07 1.08
CA VAL A 121 7.99 -5.94 0.16
C VAL A 121 9.34 -5.77 -0.53
N ARG A 122 10.42 -5.87 0.22
CA ARG A 122 11.76 -5.67 -0.32
C ARG A 122 12.13 -6.72 -1.36
N ALA A 123 11.58 -7.94 -1.22
CA ALA A 123 11.85 -8.97 -2.23
C ALA A 123 11.36 -8.54 -3.61
N GLY A 124 10.27 -7.77 -3.64
CA GLY A 124 9.73 -7.23 -4.89
C GLY A 124 10.23 -5.85 -5.27
N ARG A 125 10.53 -5.04 -4.27
CA ARG A 125 10.94 -3.65 -4.48
C ARG A 125 12.04 -3.30 -3.52
N SER A 126 13.27 -3.41 -4.03
CA SER A 126 14.44 -3.37 -3.16
C SER A 126 14.63 -2.05 -2.43
N CYS A 127 14.10 -0.97 -2.98
CA CYS A 127 14.22 0.35 -2.34
C CYS A 127 13.29 0.61 -1.18
N ALA A 128 12.45 -0.37 -0.85
CA ALA A 128 11.50 -0.20 0.26
C ALA A 128 12.22 0.06 1.57
N ASN A 129 11.84 1.14 2.25
CA ASN A 129 12.49 1.54 3.49
C ASN A 129 11.68 2.62 4.21
N PRO A 130 10.68 2.22 4.99
CA PRO A 130 9.87 3.23 5.70
C PRO A 130 10.69 4.08 6.64
N ASN A 131 10.30 5.35 6.79
CA ASN A 131 11.00 6.21 7.74
C ASN A 131 10.86 5.60 9.14
N VAL A 132 11.81 5.97 10.02
CA VAL A 132 11.86 5.34 11.33
C VAL A 132 10.59 5.56 12.16
N GLY A 133 9.89 6.67 11.94
CA GLY A 133 8.59 6.89 12.56
C GLY A 133 7.54 5.88 12.09
N PHE A 134 7.48 5.66 10.79
CA PHE A 134 6.56 4.66 10.25
C PHE A 134 6.92 3.28 10.77
N GLN A 135 8.21 3.00 10.93
CA GLN A 135 8.63 1.74 11.56
C GLN A 135 8.07 1.60 12.99
N ARG A 136 8.11 2.67 13.77
CA ARG A 136 7.54 2.64 15.12
C ARG A 136 6.03 2.42 15.13
N GLN A 137 5.32 3.06 14.18
CA GLN A 137 3.88 2.87 14.08
C GLN A 137 3.56 1.42 13.72
N LEU A 138 4.38 0.83 12.85
CA LEU A 138 4.19 -0.56 12.45
C LEU A 138 4.48 -1.51 13.62
N GLN A 139 5.49 -1.18 14.43
CA GLN A 139 5.82 -1.95 15.62
C GLN A 139 4.67 -1.90 16.64
N GLU A 140 4.08 -0.72 16.84
CA GLU A 140 2.92 -0.57 17.73
C GLU A 140 1.70 -1.33 17.21
N PHE A 141 1.47 -1.26 15.89
CA PHE A 141 0.39 -2.01 15.26
C PHE A 141 0.57 -3.50 15.51
N GLU A 142 1.79 -4.00 15.36
CA GLU A 142 2.12 -5.42 15.60
C GLU A 142 1.79 -5.83 17.04
N LYS A 143 2.10 -4.95 17.99
CA LYS A 143 1.96 -5.23 19.42
C LYS A 143 0.51 -5.22 19.91
N HIS A 144 -0.27 -4.26 19.40
CA HIS A 144 -1.55 -3.85 20.02
C HIS A 144 -2.81 -4.04 19.16
N GLU A 145 -2.68 -4.03 17.84
CA GLU A 145 -3.85 -3.93 16.96
C GLU A 145 -3.92 -4.91 15.78
N VAL A 146 -2.80 -5.45 15.32
CA VAL A 146 -2.87 -6.30 14.12
C VAL A 146 -3.76 -7.53 14.35
N HIS A 147 -3.79 -8.04 15.58
CA HIS A 147 -4.65 -9.17 15.87
C HIS A 147 -6.14 -8.84 15.70
N GLN A 148 -6.54 -7.64 16.10
N GLN A 148 -6.53 -7.64 16.10
CA GLN A 148 -7.92 -7.19 15.90
CA GLN A 148 -7.90 -7.15 15.92
C GLN A 148 -8.23 -7.00 14.41
C GLN A 148 -8.24 -6.94 14.44
N TYR A 149 -7.26 -6.46 13.67
CA TYR A 149 -7.43 -6.25 12.22
C TYR A 149 -7.57 -7.60 11.49
N ARG A 150 -6.81 -8.61 11.91
CA ARG A 150 -6.94 -9.96 11.33
C ARG A 150 -8.33 -10.55 11.56
N GLN A 151 -8.86 -10.35 12.76
CA GLN A 151 -10.20 -10.85 13.08
C GLN A 151 -11.28 -10.12 12.30
N TRP A 152 -11.13 -8.80 12.20
CA TRP A 152 -12.01 -8.00 11.36
C TRP A 152 -12.05 -8.49 9.92
N LEU A 153 -10.87 -8.76 9.37
N LEU A 153 -10.88 -8.78 9.35
CA LEU A 153 -10.75 -9.29 8.01
CA LEU A 153 -10.82 -9.26 7.98
C LEU A 153 -11.55 -10.60 7.85
C LEU A 153 -11.49 -10.64 7.81
N LYS A 154 -11.36 -11.49 8.82
CA LYS A 154 -12.04 -12.79 8.82
C LYS A 154 -13.56 -12.61 8.90
N GLU A 155 -13.99 -11.72 9.78
CA GLU A 155 -15.42 -11.47 9.99
C GLU A 155 -16.08 -10.82 8.77
N GLU A 156 -15.38 -9.87 8.15
CA GLU A 156 -15.93 -9.14 7.02
C GLU A 156 -15.89 -9.90 5.70
N TYR A 157 -14.83 -10.68 5.50
CA TYR A 157 -14.58 -11.30 4.19
C TYR A 157 -14.42 -12.82 4.20
N GLY A 158 -14.35 -13.43 5.39
CA GLY A 158 -14.12 -14.86 5.52
C GLY A 158 -15.43 -15.63 5.65
#